data_3SBW
#
_entry.id   3SBW
#
_cell.length_a   56.778
_cell.length_b   62.843
_cell.length_c   160.863
_cell.angle_alpha   90.000
_cell.angle_beta   90.000
_cell.angle_gamma   90.000
#
_symmetry.space_group_name_H-M   'P 21 21 21'
#
loop_
_entity.id
_entity.type
_entity.pdbx_description
1 polymer 'Programmed cell death protein 1'
2 polymer 'Programmed cell death 1 ligand 1'
3 water water
#
loop_
_entity_poly.entity_id
_entity_poly.type
_entity_poly.pdbx_seq_one_letter_code
_entity_poly.pdbx_strand_id
1 'polypeptide(L)'
;SLTFYPAWLTVSEGANATFTCSLSNWSEDLMLNWNRLSPSNQTEKQAAFSNGLSQPVQDARFQIIQLPNRHDFHMNILDT
RRNDSGIYLCGAISLHPKLKIEESPGAELVVTERILE
;
A,B
2 'polypeptide(L)'
;MFTVTVPKDLYVVEYGSNMTIECKFPVEKQLDLAALIVYWEMEDKNIIQFVHGEEDLKVQHSSYRQRARLLKDQLSLGNA
ALQITDVKLQDAGVYRCMISYGGADYKRITVKVNAPYNKINQRILVVDPVTSEHELTCQAEGYPKAEVIWTSSDHQVLSG
KTTTTNSKREEKLFNVTSTLRINTTTNEIFYCTFRRLDPEENHTAELVIPELPLAHPPNERT
;
C
#
# COMPACT_ATOMS: atom_id res chain seq x y z
N SER A 1 -0.65 -21.82 13.85
CA SER A 1 0.28 -20.71 13.50
C SER A 1 1.19 -20.45 14.68
N LEU A 2 2.36 -19.87 14.40
CA LEU A 2 3.37 -19.65 15.39
C LEU A 2 3.88 -18.26 15.18
N THR A 3 4.23 -17.57 16.28
CA THR A 3 5.00 -16.33 16.20
C THR A 3 6.28 -16.61 16.94
N PHE A 4 7.32 -15.86 16.60
CA PHE A 4 8.65 -15.99 17.17
C PHE A 4 9.18 -14.58 17.37
N TYR A 5 9.33 -14.15 18.61
CA TYR A 5 9.56 -12.74 18.85
C TYR A 5 10.56 -12.49 19.97
N PRO A 6 11.20 -11.30 19.96
CA PRO A 6 11.01 -10.20 18.98
C PRO A 6 11.61 -10.51 17.59
N ALA A 7 11.08 -9.86 16.53
CA ALA A 7 11.60 -10.00 15.18
C ALA A 7 13.10 -9.59 15.07
N TRP A 8 13.52 -8.68 15.95
CA TRP A 8 14.89 -8.21 15.93
C TRP A 8 15.37 -7.96 17.34
N LEU A 9 16.42 -8.66 17.73
CA LEU A 9 16.97 -8.58 19.06
C LEU A 9 18.48 -8.32 18.92
N THR A 10 19.00 -7.37 19.70
CA THR A 10 20.43 -7.18 19.78
C THR A 10 20.91 -7.31 21.22
N VAL A 11 22.04 -7.98 21.43
CA VAL A 11 22.64 -8.13 22.76
C VAL A 11 24.15 -7.94 22.71
N SER A 12 24.75 -7.60 23.84
N SER A 12 24.76 -7.59 23.85
CA SER A 12 26.20 -7.62 24.00
CA SER A 12 26.22 -7.56 23.96
C SER A 12 26.66 -9.06 24.13
C SER A 12 26.72 -8.98 24.22
N GLU A 13 27.85 -9.35 23.60
CA GLU A 13 28.43 -10.68 23.75
C GLU A 13 28.66 -11.05 25.21
N GLY A 14 28.25 -12.27 25.56
CA GLY A 14 28.26 -12.71 26.95
C GLY A 14 26.88 -12.70 27.58
N ALA A 15 25.99 -11.84 27.10
CA ALA A 15 24.63 -11.79 27.65
C ALA A 15 23.84 -12.99 27.14
N ASN A 16 22.79 -13.36 27.86
CA ASN A 16 21.93 -14.42 27.45
C ASN A 16 20.84 -13.81 26.60
N ALA A 17 20.48 -14.46 25.49
CA ALA A 17 19.46 -13.93 24.60
C ALA A 17 18.19 -14.80 24.65
N THR A 18 17.03 -14.17 24.44
CA THR A 18 15.74 -14.90 24.49
C THR A 18 14.76 -14.54 23.38
N PHE A 19 14.31 -15.54 22.65
CA PHE A 19 13.16 -15.31 21.83
C PHE A 19 12.01 -16.07 22.45
N THR A 20 10.78 -15.64 22.16
CA THR A 20 9.61 -16.40 22.57
C THR A 20 8.94 -16.99 21.32
N CYS A 21 8.83 -18.32 21.31
CA CYS A 21 8.06 -19.02 20.31
C CYS A 21 6.68 -19.27 20.89
N SER A 22 5.65 -18.72 20.25
CA SER A 22 4.30 -18.83 20.80
C SER A 22 3.41 -19.55 19.80
N LEU A 23 2.91 -20.74 20.17
CA LEU A 23 2.01 -21.49 19.29
C LEU A 23 0.56 -21.19 19.56
N SER A 24 -0.28 -21.11 18.51
CA SER A 24 -1.70 -20.98 18.72
C SER A 24 -2.33 -22.24 19.33
N ASN A 25 -1.68 -23.38 19.14
CA ASN A 25 -2.22 -24.71 19.48
C ASN A 25 -1.04 -25.55 19.97
N TRP A 26 -1.15 -26.19 21.14
CA TRP A 26 -0.12 -27.10 21.62
C TRP A 26 -0.72 -28.26 22.38
N SER A 27 -0.11 -29.42 22.17
CA SER A 27 -0.33 -30.62 22.96
C SER A 27 0.99 -31.40 22.94
N GLU A 28 1.18 -32.35 23.86
CA GLU A 28 2.50 -32.98 24.14
C GLU A 28 3.10 -33.87 23.04
N ASP A 29 2.28 -34.28 22.06
CA ASP A 29 2.74 -35.09 20.92
C ASP A 29 3.48 -34.27 19.84
N LEU A 30 3.36 -32.94 19.90
CA LEU A 30 4.08 -32.08 18.98
C LEU A 30 5.58 -32.08 19.26
N MET A 31 6.35 -31.92 18.19
CA MET A 31 7.78 -31.62 18.28
C MET A 31 8.01 -30.18 17.84
N LEU A 32 8.89 -29.49 18.55
CA LEU A 32 9.13 -28.10 18.27
C LEU A 32 10.62 -27.95 18.01
N ASN A 33 10.94 -27.37 16.86
CA ASN A 33 12.31 -27.21 16.39
C ASN A 33 12.72 -25.76 16.41
N TRP A 34 13.96 -25.52 16.76
CA TRP A 34 14.50 -24.19 16.72
C TRP A 34 15.59 -24.25 15.65
N ASN A 35 15.40 -23.52 14.56
CA ASN A 35 16.32 -23.55 13.44
C ASN A 35 17.02 -22.23 13.16
N ARG A 36 18.18 -22.33 12.51
CA ARG A 36 18.95 -21.19 12.09
C ARG A 36 19.03 -21.26 10.55
N LEU A 37 18.70 -20.14 9.90
CA LEU A 37 18.67 -20.04 8.45
C LEU A 37 20.07 -19.95 7.89
N SER A 38 20.26 -20.44 6.67
CA SER A 38 21.57 -20.66 6.13
C SER A 38 21.72 -19.95 4.77
N PRO A 39 22.90 -19.32 4.56
CA PRO A 39 23.21 -18.63 3.28
C PRO A 39 23.32 -19.59 2.11
N SER A 40 23.37 -20.90 2.39
CA SER A 40 23.38 -21.89 1.30
C SER A 40 22.13 -22.75 1.29
N ASN A 41 21.09 -22.26 1.97
CA ASN A 41 19.80 -22.95 2.06
C ASN A 41 19.80 -24.26 2.88
N GLN A 42 20.92 -24.58 3.53
CA GLN A 42 21.01 -25.80 4.35
C GLN A 42 20.76 -25.46 5.84
N THR A 43 19.50 -25.18 6.13
CA THR A 43 18.97 -24.90 7.45
C THR A 43 19.59 -25.79 8.56
N GLU A 44 19.95 -25.17 9.68
CA GLU A 44 20.63 -25.87 10.80
C GLU A 44 19.74 -25.92 12.04
N LYS A 45 19.28 -27.11 12.41
CA LYS A 45 18.54 -27.28 13.66
C LYS A 45 19.50 -26.97 14.83
N GLN A 46 19.06 -26.12 15.76
CA GLN A 46 19.83 -25.75 16.95
C GLN A 46 19.41 -26.63 18.13
N ALA A 47 18.11 -26.74 18.34
CA ALA A 47 17.55 -27.59 19.37
C ALA A 47 16.15 -28.03 18.99
N ALA A 48 15.70 -29.11 19.64
CA ALA A 48 14.32 -29.60 19.55
C ALA A 48 13.70 -29.82 20.93
N PHE A 49 12.39 -29.61 21.02
CA PHE A 49 11.70 -29.86 22.26
C PHE A 49 10.64 -30.90 21.98
N SER A 50 10.84 -32.08 22.55
CA SER A 50 9.82 -33.11 22.46
C SER A 50 9.86 -33.98 23.67
N ASN A 51 8.71 -34.59 23.97
CA ASN A 51 8.51 -35.40 25.15
C ASN A 51 8.92 -34.70 26.45
N GLY A 52 8.61 -33.41 26.54
CA GLY A 52 8.91 -32.62 27.73
C GLY A 52 10.37 -32.19 27.87
N LEU A 53 11.18 -32.52 26.87
CA LEU A 53 12.63 -32.31 26.95
C LEU A 53 13.19 -31.43 25.84
N SER A 54 13.98 -30.45 26.24
CA SER A 54 14.87 -29.72 25.33
C SER A 54 16.15 -30.51 25.03
N GLN A 55 16.41 -30.75 23.76
CA GLN A 55 17.67 -31.38 23.38
C GLN A 55 18.39 -30.53 22.34
N PRO A 56 19.58 -30.07 22.68
CA PRO A 56 20.40 -29.27 21.77
C PRO A 56 21.05 -30.17 20.71
N VAL A 57 21.15 -29.69 19.48
CA VAL A 57 21.71 -30.51 18.40
C VAL A 57 23.22 -30.67 18.57
N GLN A 58 23.90 -29.61 19.00
CA GLN A 58 25.34 -29.74 19.17
C GLN A 58 25.98 -28.74 20.10
N ASP A 59 25.19 -27.78 20.57
CA ASP A 59 25.66 -26.80 21.54
C ASP A 59 24.60 -26.62 22.62
N ALA A 60 24.94 -27.04 23.83
CA ALA A 60 24.06 -26.96 25.04
C ALA A 60 23.70 -25.55 25.52
N ARG A 61 24.28 -24.52 24.90
CA ARG A 61 23.86 -23.13 25.17
C ARG A 61 22.47 -22.85 24.58
N PHE A 62 22.04 -23.71 23.67
CA PHE A 62 20.75 -23.54 23.00
C PHE A 62 19.73 -24.41 23.68
N GLN A 63 18.85 -23.76 24.43
CA GLN A 63 17.85 -24.46 25.23
C GLN A 63 16.46 -23.88 25.00
N ILE A 64 15.47 -24.77 25.02
CA ILE A 64 14.08 -24.41 24.86
C ILE A 64 13.38 -24.65 26.20
N ILE A 65 12.84 -23.59 26.78
CA ILE A 65 12.12 -23.68 28.08
C ILE A 65 10.64 -23.46 27.84
N GLN A 66 9.82 -24.44 28.26
CA GLN A 66 8.38 -24.32 28.11
C GLN A 66 7.85 -23.40 29.24
N LEU A 67 7.06 -22.40 28.85
CA LEU A 67 6.46 -21.52 29.79
C LEU A 67 5.27 -22.18 30.52
N PRO A 68 4.83 -21.62 31.67
CA PRO A 68 3.75 -22.30 32.36
C PRO A 68 2.47 -22.49 31.55
N ASN A 69 2.21 -21.63 30.56
CA ASN A 69 0.95 -21.77 29.81
C ASN A 69 1.09 -22.84 28.71
N ARG A 70 2.27 -23.46 28.62
CA ARG A 70 2.54 -24.65 27.78
C ARG A 70 2.65 -24.44 26.26
N HIS A 71 1.86 -23.54 25.69
CA HIS A 71 2.01 -23.20 24.26
C HIS A 71 3.09 -22.12 23.91
N ASP A 72 3.58 -21.36 24.90
CA ASP A 72 4.74 -20.47 24.69
C ASP A 72 6.03 -21.07 25.22
N PHE A 73 7.11 -20.79 24.51
CA PHE A 73 8.40 -21.33 24.80
C PHE A 73 9.46 -20.20 24.74
N HIS A 74 10.43 -20.23 25.64
CA HIS A 74 11.64 -19.41 25.51
C HIS A 74 12.70 -20.24 24.82
N MET A 75 13.17 -19.72 23.70
CA MET A 75 14.37 -20.22 23.09
C MET A 75 15.50 -19.37 23.61
N ASN A 76 16.24 -19.89 24.59
CA ASN A 76 17.38 -19.16 25.17
C ASN A 76 18.73 -19.52 24.56
N ILE A 77 19.52 -18.51 24.22
CA ILE A 77 20.96 -18.74 23.98
C ILE A 77 21.75 -18.19 25.18
N LEU A 78 22.37 -19.09 25.92
CA LEU A 78 23.19 -18.69 27.05
C LEU A 78 24.52 -18.19 26.54
N ASP A 79 25.04 -17.14 27.19
CA ASP A 79 26.42 -16.71 26.98
C ASP A 79 26.77 -16.50 25.49
N THR A 80 26.09 -15.55 24.85
CA THR A 80 26.19 -15.33 23.41
C THR A 80 27.60 -14.97 22.92
N ARG A 81 27.91 -15.45 21.71
CA ARG A 81 29.12 -15.15 20.96
CA ARG A 81 29.13 -15.08 21.01
C ARG A 81 28.72 -14.41 19.69
N ARG A 82 29.61 -13.59 19.14
CA ARG A 82 29.32 -12.90 17.87
C ARG A 82 28.74 -13.78 16.76
N ASN A 83 29.25 -15.01 16.63
CA ASN A 83 28.87 -15.94 15.56
C ASN A 83 27.53 -16.66 15.82
N ASP A 84 26.90 -16.37 16.97
CA ASP A 84 25.52 -16.72 17.21
C ASP A 84 24.60 -15.77 16.40
N SER A 85 25.12 -14.65 15.91
CA SER A 85 24.35 -13.71 15.10
C SER A 85 23.78 -14.38 13.86
N GLY A 86 22.46 -14.21 13.66
CA GLY A 86 21.79 -14.85 12.53
C GLY A 86 20.31 -14.65 12.58
N ILE A 87 19.60 -15.37 11.70
CA ILE A 87 18.18 -15.31 11.57
C ILE A 87 17.67 -16.70 11.88
N TYR A 88 16.74 -16.75 12.83
CA TYR A 88 16.27 -18.01 13.33
C TYR A 88 14.77 -18.10 13.16
N LEU A 89 14.28 -19.34 13.22
CA LEU A 89 12.85 -19.56 13.32
C LEU A 89 12.48 -20.79 14.12
N CYS A 90 11.25 -20.81 14.64
CA CYS A 90 10.81 -22.02 15.31
C CYS A 90 9.80 -22.72 14.42
N GLY A 91 9.80 -24.04 14.49
CA GLY A 91 8.77 -24.80 13.78
C GLY A 91 8.14 -25.90 14.58
N ALA A 92 6.87 -26.17 14.30
CA ALA A 92 6.15 -27.23 14.97
C ALA A 92 5.83 -28.36 14.02
N ILE A 93 6.03 -29.57 14.50
CA ILE A 93 5.85 -30.74 13.66
C ILE A 93 4.90 -31.72 14.33
N SER A 94 3.95 -32.19 13.53
CA SER A 94 3.08 -33.27 13.92
C SER A 94 3.25 -34.42 12.92
N LEU A 95 3.48 -35.61 13.46
CA LEU A 95 3.75 -36.82 12.70
C LEU A 95 2.51 -37.62 12.35
N HIS A 96 1.52 -37.65 13.24
CA HIS A 96 0.31 -38.46 12.99
C HIS A 96 -0.96 -37.63 13.09
N PRO A 97 -1.96 -37.93 12.26
CA PRO A 97 -2.02 -39.09 11.33
C PRO A 97 -1.33 -38.88 9.97
N LYS A 98 -0.79 -37.67 9.76
CA LYS A 98 0.01 -37.34 8.58
C LYS A 98 1.02 -36.24 8.93
N LEU A 99 2.11 -36.19 8.17
CA LEU A 99 3.12 -35.17 8.37
C LEU A 99 2.50 -33.78 8.24
N LYS A 100 2.65 -32.97 9.27
CA LYS A 100 2.15 -31.60 9.27
C LYS A 100 3.18 -30.69 9.94
N ILE A 101 3.60 -29.67 9.21
CA ILE A 101 4.69 -28.78 9.64
C ILE A 101 4.29 -27.33 9.45
N GLU A 102 4.46 -26.56 10.50
CA GLU A 102 4.18 -25.14 10.49
C GLU A 102 5.38 -24.43 11.10
N GLU A 103 5.70 -23.26 10.52
CA GLU A 103 6.90 -22.50 10.79
C GLU A 103 6.51 -21.07 11.18
N SER A 104 7.34 -20.47 12.02
CA SER A 104 7.15 -19.09 12.43
C SER A 104 7.78 -18.15 11.41
N PRO A 105 7.46 -16.83 11.48
CA PRO A 105 8.39 -15.89 10.80
C PRO A 105 9.79 -16.01 11.38
N GLY A 106 10.76 -15.43 10.66
CA GLY A 106 12.09 -15.29 11.18
C GLY A 106 12.23 -14.25 12.27
N ALA A 107 13.21 -14.46 13.14
CA ALA A 107 13.69 -13.46 14.12
C ALA A 107 15.21 -13.34 14.05
N GLU A 108 15.71 -12.10 14.00
CA GLU A 108 17.16 -11.83 13.92
C GLU A 108 17.81 -11.57 15.28
N LEU A 109 19.01 -12.11 15.46
CA LEU A 109 19.84 -11.84 16.60
C LEU A 109 21.15 -11.19 16.12
N VAL A 110 21.46 -10.00 16.63
CA VAL A 110 22.73 -9.31 16.32
C VAL A 110 23.50 -9.27 17.64
N VAL A 111 24.59 -10.02 17.72
CA VAL A 111 25.40 -10.03 18.92
C VAL A 111 26.61 -9.12 18.67
N THR A 112 26.76 -8.04 19.45
CA THR A 112 27.87 -7.09 19.28
C THR A 112 29.08 -7.40 20.21
N SER B 1 18.08 8.02 -8.61
CA SER B 1 17.41 6.88 -9.30
C SER B 1 17.79 5.55 -8.67
N LEU B 2 16.80 4.69 -8.48
CA LEU B 2 17.04 3.35 -7.97
C LEU B 2 16.68 2.30 -9.02
N THR B 3 17.51 1.26 -9.13
CA THR B 3 17.15 0.07 -9.89
C THR B 3 17.06 -1.15 -8.97
N PHE B 4 16.28 -2.12 -9.43
CA PHE B 4 15.92 -3.25 -8.62
C PHE B 4 15.82 -4.43 -9.56
N TYR B 5 16.74 -5.38 -9.40
CA TYR B 5 16.81 -6.51 -10.31
C TYR B 5 17.23 -7.79 -9.56
N PRO B 6 17.06 -8.95 -10.18
CA PRO B 6 16.47 -9.19 -11.50
C PRO B 6 14.99 -8.78 -11.58
N ALA B 7 14.54 -8.36 -12.75
CA ALA B 7 13.15 -8.00 -12.93
C ALA B 7 12.21 -9.18 -12.65
N TRP B 8 12.68 -10.41 -12.83
CA TRP B 8 11.84 -11.57 -12.60
C TRP B 8 12.68 -12.74 -12.12
N LEU B 9 12.40 -13.19 -10.91
CA LEU B 9 13.23 -14.19 -10.23
C LEU B 9 12.33 -15.30 -9.72
N THR B 10 12.67 -16.54 -10.03
CA THR B 10 12.00 -17.68 -9.41
C THR B 10 12.96 -18.53 -8.61
N VAL B 11 12.49 -19.11 -7.51
CA VAL B 11 13.28 -20.11 -6.78
C VAL B 11 12.33 -21.11 -6.18
N SER B 12 12.84 -22.24 -5.73
CA SER B 12 12.03 -23.26 -5.06
C SER B 12 11.75 -22.84 -3.65
N GLU B 13 10.58 -23.18 -3.13
CA GLU B 13 10.36 -22.91 -1.73
C GLU B 13 11.42 -23.56 -0.84
N GLY B 14 11.77 -22.86 0.24
CA GLY B 14 12.83 -23.28 1.13
C GLY B 14 14.17 -22.63 0.79
N ALA B 15 14.26 -22.05 -0.39
CA ALA B 15 15.53 -21.45 -0.82
C ALA B 15 15.47 -19.91 -0.72
N ASN B 16 16.62 -19.29 -0.51
CA ASN B 16 16.78 -17.87 -0.46
C ASN B 16 16.59 -17.23 -1.83
N ALA B 17 16.05 -16.03 -1.86
CA ALA B 17 15.98 -15.23 -3.07
C ALA B 17 16.68 -13.91 -2.81
N THR B 18 17.57 -13.51 -3.70
CA THR B 18 18.35 -12.28 -3.54
C THR B 18 18.09 -11.32 -4.72
N PHE B 19 17.57 -10.13 -4.42
CA PHE B 19 17.47 -9.06 -5.40
C PHE B 19 18.52 -8.00 -5.05
N THR B 20 18.87 -7.17 -6.02
CA THR B 20 19.75 -6.04 -5.75
C THR B 20 19.04 -4.70 -5.92
N CYS B 21 19.18 -3.85 -4.91
CA CYS B 21 18.72 -2.47 -4.99
C CYS B 21 19.95 -1.64 -5.14
N SER B 22 20.00 -0.91 -6.24
CA SER B 22 21.17 -0.12 -6.63
C SER B 22 20.78 1.35 -6.69
N LEU B 23 21.50 2.20 -5.95
CA LEU B 23 21.20 3.63 -5.88
C LEU B 23 22.27 4.48 -6.55
N SER B 24 21.85 5.49 -7.30
CA SER B 24 22.81 6.34 -8.01
C SER B 24 23.43 7.43 -7.14
N ASN B 25 22.76 7.80 -6.04
CA ASN B 25 23.37 8.75 -5.10
C ASN B 25 23.00 8.53 -3.65
N TRP B 26 23.55 7.47 -3.08
CA TRP B 26 23.41 7.12 -1.68
C TRP B 26 24.24 7.99 -0.75
N SER B 27 23.64 8.40 0.36
CA SER B 27 24.32 9.00 1.51
C SER B 27 23.80 8.33 2.78
N GLU B 28 24.50 8.48 3.91
CA GLU B 28 24.16 7.69 5.12
C GLU B 28 22.93 8.15 5.90
N ASP B 29 22.46 9.37 5.62
CA ASP B 29 21.22 9.89 6.20
C ASP B 29 19.93 9.31 5.60
N LEU B 30 20.00 8.73 4.39
CA LEU B 30 18.82 8.14 3.76
C LEU B 30 18.33 6.91 4.53
N MET B 31 17.02 6.68 4.40
CA MET B 31 16.36 5.47 4.88
C MET B 31 15.91 4.68 3.67
N LEU B 32 16.25 3.41 3.65
CA LEU B 32 15.95 2.58 2.51
C LEU B 32 14.93 1.51 2.90
N ASN B 33 13.79 1.54 2.23
CA ASN B 33 12.72 0.66 2.58
C ASN B 33 12.57 -0.47 1.58
N TRP B 34 12.44 -1.69 2.08
CA TRP B 34 12.15 -2.81 1.20
C TRP B 34 10.66 -3.08 1.22
N ASN B 35 10.02 -2.87 0.08
CA ASN B 35 8.58 -2.92 0.00
C ASN B 35 8.04 -4.08 -0.82
N ARG B 36 6.90 -4.59 -0.39
CA ARG B 36 6.08 -5.50 -1.16
C ARG B 36 4.83 -4.74 -1.70
N LEU B 37 4.34 -5.13 -2.88
CA LEU B 37 3.04 -4.65 -3.42
C LEU B 37 1.86 -5.57 -3.14
N SER B 38 0.77 -4.97 -2.71
CA SER B 38 -0.48 -5.69 -2.56
C SER B 38 -1.15 -5.77 -3.94
N PRO B 39 -2.23 -6.57 -4.05
CA PRO B 39 -3.06 -6.64 -5.27
C PRO B 39 -3.62 -5.29 -5.76
N SER B 40 -4.09 -4.45 -4.85
CA SER B 40 -4.51 -3.09 -5.23
C SER B 40 -3.32 -2.15 -5.50
N ASN B 41 -2.10 -2.70 -5.44
CA ASN B 41 -0.88 -1.92 -5.69
C ASN B 41 -0.57 -0.96 -4.53
N GLN B 42 -0.81 -1.43 -3.32
CA GLN B 42 -0.41 -0.67 -2.16
C GLN B 42 0.97 -1.17 -1.77
N THR B 43 1.80 -0.27 -1.25
CA THR B 43 3.14 -0.68 -0.78
C THR B 43 3.03 -1.08 0.67
N GLU B 44 3.80 -2.10 1.06
CA GLU B 44 3.82 -2.61 2.43
C GLU B 44 5.26 -2.89 2.80
N LYS B 45 5.79 -2.08 3.73
CA LYS B 45 7.18 -2.18 4.15
C LYS B 45 7.42 -3.55 4.72
N GLN B 46 8.50 -4.20 4.28
CA GLN B 46 8.96 -5.48 4.80
C GLN B 46 10.11 -5.31 5.77
N ALA B 47 11.01 -4.38 5.47
CA ALA B 47 12.21 -4.13 6.24
C ALA B 47 12.72 -2.73 5.91
N ALA B 48 13.56 -2.18 6.77
CA ALA B 48 14.13 -0.87 6.54
C ALA B 48 15.59 -0.80 6.95
N PHE B 49 16.39 -0.18 6.09
CA PHE B 49 17.78 0.08 6.40
C PHE B 49 17.94 1.55 6.79
N SER B 50 18.53 1.79 7.95
CA SER B 50 18.80 3.16 8.39
C SER B 50 19.83 3.13 9.48
N ASN B 51 20.70 4.13 9.52
CA ASN B 51 21.73 4.21 10.55
C ASN B 51 22.56 2.91 10.66
N GLY B 52 23.02 2.39 9.53
CA GLY B 52 23.96 1.26 9.54
C GLY B 52 23.41 -0.16 9.55
N LEU B 53 22.12 -0.30 9.83
CA LEU B 53 21.56 -1.61 10.11
C LEU B 53 20.24 -1.76 9.39
N SER B 54 19.92 -3.01 9.08
CA SER B 54 18.62 -3.41 8.60
C SER B 54 17.76 -4.01 9.70
N GLN B 55 16.48 -3.68 9.67
CA GLN B 55 15.51 -4.23 10.62
C GLN B 55 14.22 -4.53 9.90
N PRO B 56 13.66 -5.74 10.14
CA PRO B 56 12.37 -6.21 9.62
C PRO B 56 11.20 -5.61 10.36
N VAL B 57 10.06 -5.55 9.69
CA VAL B 57 8.83 -5.07 10.29
C VAL B 57 8.21 -6.21 11.11
N GLN B 58 8.09 -7.41 10.54
CA GLN B 58 7.58 -8.51 11.36
C GLN B 58 8.13 -9.88 11.02
N ASP B 59 8.92 -9.95 9.95
CA ASP B 59 9.53 -11.20 9.55
C ASP B 59 10.98 -10.97 9.15
N ALA B 60 11.91 -11.50 9.95
CA ALA B 60 13.30 -11.27 9.73
C ALA B 60 13.86 -12.06 8.54
N ARG B 61 13.05 -12.90 7.90
CA ARG B 61 13.48 -13.47 6.62
C ARG B 61 13.67 -12.36 5.57
N PHE B 62 13.03 -11.20 5.77
CA PHE B 62 13.29 -10.05 4.86
C PHE B 62 14.48 -9.26 5.33
N GLN B 63 15.60 -9.43 4.64
CA GLN B 63 16.89 -8.97 5.14
C GLN B 63 17.52 -8.05 4.12
N ILE B 64 17.95 -6.87 4.53
CA ILE B 64 18.66 -5.97 3.61
C ILE B 64 20.10 -6.01 4.02
N ILE B 65 20.99 -6.26 3.08
CA ILE B 65 22.43 -6.24 3.34
C ILE B 65 23.10 -5.15 2.47
N GLN B 66 23.83 -4.23 3.11
CA GLN B 66 24.56 -3.23 2.36
C GLN B 66 25.85 -3.84 1.81
N LEU B 67 26.08 -3.63 0.52
CA LEU B 67 27.28 -4.14 -0.10
C LEU B 67 28.45 -3.20 0.23
N PRO B 68 29.70 -3.71 0.21
CA PRO B 68 30.92 -2.92 0.40
C PRO B 68 30.99 -1.58 -0.39
N ASN B 69 30.46 -1.54 -1.61
CA ASN B 69 30.46 -0.29 -2.38
C ASN B 69 29.42 0.74 -1.91
N ARG B 70 28.60 0.30 -0.97
CA ARG B 70 27.65 1.14 -0.21
C ARG B 70 26.38 1.66 -0.89
N HIS B 71 26.38 1.84 -2.20
CA HIS B 71 25.17 2.32 -2.86
C HIS B 71 24.31 1.17 -3.37
N ASP B 72 24.85 -0.04 -3.27
CA ASP B 72 24.10 -1.25 -3.62
C ASP B 72 23.79 -2.10 -2.40
N PHE B 73 22.62 -2.77 -2.46
CA PHE B 73 22.08 -3.50 -1.35
C PHE B 73 21.51 -4.82 -1.85
N HIS B 74 21.72 -5.88 -1.09
CA HIS B 74 21.05 -7.15 -1.30
C HIS B 74 19.77 -7.14 -0.48
N MET B 75 18.62 -7.31 -1.13
CA MET B 75 17.33 -7.52 -0.42
C MET B 75 17.02 -8.99 -0.54
N ASN B 76 17.17 -9.70 0.56
CA ASN B 76 17.10 -11.14 0.59
C ASN B 76 15.79 -11.59 1.17
N ILE B 77 15.04 -12.46 0.49
CA ILE B 77 13.97 -13.19 1.16
C ILE B 77 14.55 -14.57 1.48
N LEU B 78 14.91 -14.77 2.75
CA LEU B 78 15.44 -16.05 3.20
C LEU B 78 14.33 -17.11 3.38
N ASP B 79 14.70 -18.37 3.16
CA ASP B 79 13.81 -19.53 3.37
C ASP B 79 12.41 -19.31 2.77
N THR B 80 12.32 -19.12 1.47
CA THR B 80 11.08 -18.64 0.87
C THR B 80 9.89 -19.61 1.01
N ARG B 81 8.69 -19.01 0.99
CA ARG B 81 7.43 -19.71 1.02
C ARG B 81 6.61 -19.28 -0.18
N ARG B 82 5.68 -20.13 -0.63
CA ARG B 82 4.94 -19.87 -1.86
C ARG B 82 4.27 -18.49 -1.77
N ASN B 83 3.77 -18.21 -0.57
CA ASN B 83 3.20 -16.94 -0.14
C ASN B 83 4.04 -15.67 -0.28
N ASP B 84 5.35 -15.83 -0.34
CA ASP B 84 6.26 -14.71 -0.63
C ASP B 84 6.16 -14.26 -2.07
N SER B 85 5.50 -15.05 -2.92
CA SER B 85 5.35 -14.71 -4.33
C SER B 85 4.65 -13.37 -4.51
N GLY B 86 5.29 -12.46 -5.22
CA GLY B 86 4.66 -11.23 -5.66
C GLY B 86 5.65 -10.21 -6.18
N ILE B 87 5.23 -8.95 -6.22
CA ILE B 87 6.05 -7.86 -6.73
C ILE B 87 6.64 -7.11 -5.56
N TYR B 88 7.91 -6.73 -5.72
CA TYR B 88 8.64 -6.03 -4.67
C TYR B 88 9.35 -4.86 -5.31
N LEU B 89 9.77 -3.91 -4.49
CA LEU B 89 10.52 -2.73 -4.90
C LEU B 89 11.21 -2.17 -3.67
N CYS B 90 12.27 -1.41 -3.91
CA CYS B 90 12.95 -0.69 -2.83
C CYS B 90 12.63 0.79 -2.98
N GLY B 91 12.70 1.52 -1.87
CA GLY B 91 12.42 2.94 -1.90
C GLY B 91 13.27 3.72 -0.92
N ALA B 92 13.72 4.91 -1.34
CA ALA B 92 14.49 5.78 -0.44
C ALA B 92 13.67 6.97 0.01
N ILE B 93 13.71 7.21 1.32
CA ILE B 93 13.12 8.38 1.91
C ILE B 93 14.22 9.33 2.32
N SER B 94 14.17 10.55 1.79
CA SER B 94 15.07 11.62 2.21
C SER B 94 14.31 12.63 3.05
N LEU B 95 14.93 13.03 4.16
CA LEU B 95 14.34 14.04 5.02
C LEU B 95 15.08 15.37 4.88
N HIS B 96 16.39 15.33 4.71
CA HIS B 96 17.20 16.54 4.47
C HIS B 96 18.00 16.47 3.17
N PRO B 97 18.21 17.62 2.50
CA PRO B 97 17.67 18.96 2.79
C PRO B 97 16.23 19.12 2.32
N LYS B 98 15.81 18.24 1.40
CA LYS B 98 14.44 18.19 0.90
C LYS B 98 13.81 16.81 1.11
N LEU B 99 12.53 16.84 1.47
CA LEU B 99 11.73 15.64 1.56
C LEU B 99 11.63 15.06 0.17
N LYS B 100 11.86 13.76 0.07
CA LYS B 100 11.77 13.05 -1.19
C LYS B 100 11.48 11.58 -0.94
N ILE B 101 10.52 11.04 -1.71
CA ILE B 101 10.34 9.60 -1.83
C ILE B 101 10.80 9.24 -3.24
N GLU B 102 11.69 8.25 -3.32
CA GLU B 102 12.15 7.72 -4.59
C GLU B 102 11.92 6.22 -4.58
N GLU B 103 11.21 5.71 -5.58
CA GLU B 103 10.92 4.29 -5.69
C GLU B 103 11.53 3.68 -6.94
N SER B 104 12.06 2.46 -6.82
CA SER B 104 12.49 1.69 -8.01
C SER B 104 11.29 1.10 -8.74
N PRO B 105 11.50 0.58 -9.98
CA PRO B 105 10.48 -0.28 -10.59
C PRO B 105 10.32 -1.61 -9.84
N GLY B 106 9.12 -2.17 -9.89
CA GLY B 106 8.88 -3.47 -9.28
C GLY B 106 9.67 -4.59 -9.95
N ALA B 107 9.98 -5.63 -9.18
CA ALA B 107 10.51 -6.89 -9.70
C ALA B 107 9.63 -8.02 -9.16
N GLU B 108 9.59 -9.13 -9.86
CA GLU B 108 8.68 -10.20 -9.47
C GLU B 108 9.42 -11.41 -8.89
N LEU B 109 8.95 -11.89 -7.75
CA LEU B 109 9.39 -13.13 -7.17
C LEU B 109 8.33 -14.19 -7.41
N VAL B 110 8.75 -15.31 -7.97
CA VAL B 110 7.87 -16.45 -8.16
C VAL B 110 8.48 -17.61 -7.37
N VAL B 111 7.81 -18.03 -6.30
CA VAL B 111 8.32 -19.14 -5.46
C VAL B 111 7.56 -20.42 -5.81
N THR B 112 8.30 -21.46 -6.21
CA THR B 112 7.65 -22.68 -6.74
C THR B 112 7.62 -23.88 -5.78
N MET C 1 7.24 -2.40 14.59
CA MET C 1 8.03 -1.31 13.96
C MET C 1 7.06 -0.29 13.38
N PHE C 2 7.42 0.99 13.48
CA PHE C 2 6.57 2.07 13.02
C PHE C 2 5.96 1.79 11.65
N THR C 3 4.65 1.95 11.55
CA THR C 3 4.01 1.71 10.28
C THR C 3 2.85 2.66 10.06
N VAL C 4 2.70 3.14 8.83
CA VAL C 4 1.56 3.96 8.44
C VAL C 4 0.47 3.07 7.84
N THR C 5 -0.77 3.27 8.27
CA THR C 5 -1.91 2.56 7.66
C THR C 5 -2.89 3.47 6.88
N VAL C 6 -3.56 2.88 5.90
CA VAL C 6 -4.68 3.57 5.26
C VAL C 6 -5.99 2.79 5.38
N PRO C 7 -7.06 3.47 5.82
CA PRO C 7 -8.41 2.92 5.81
C PRO C 7 -8.89 2.63 4.38
N LYS C 8 -8.61 3.54 3.44
CA LYS C 8 -9.01 3.41 2.05
C LYS C 8 -7.84 3.62 1.10
N ASP C 9 -7.62 2.66 0.20
CA ASP C 9 -6.62 2.76 -0.85
C ASP C 9 -7.12 3.64 -1.97
N LEU C 10 -8.44 3.73 -2.08
CA LEU C 10 -9.08 4.30 -3.25
C LEU C 10 -10.27 5.17 -2.88
N TYR C 11 -10.21 6.43 -3.28
CA TYR C 11 -11.33 7.34 -3.11
C TYR C 11 -11.95 7.69 -4.44
N VAL C 12 -13.27 7.49 -4.50
CA VAL C 12 -14.09 7.98 -5.61
C VAL C 12 -14.90 9.16 -5.07
N VAL C 13 -14.67 10.33 -5.63
CA VAL C 13 -15.27 11.57 -5.16
C VAL C 13 -16.02 12.30 -6.26
N GLU C 14 -17.15 12.90 -5.91
CA GLU C 14 -17.87 13.76 -6.86
C GLU C 14 -17.10 15.06 -7.18
N TYR C 15 -17.13 15.44 -8.45
CA TYR C 15 -16.57 16.69 -8.97
C TYR C 15 -17.04 17.89 -8.14
N GLY C 16 -16.10 18.75 -7.75
CA GLY C 16 -16.43 19.99 -7.02
C GLY C 16 -16.85 19.80 -5.57
N SER C 17 -16.65 18.62 -5.03
CA SER C 17 -16.89 18.38 -3.61
C SER C 17 -15.58 18.54 -2.85
N ASN C 18 -15.62 18.32 -1.54
CA ASN C 18 -14.41 18.36 -0.73
C ASN C 18 -13.94 16.96 -0.34
N MET C 19 -12.62 16.79 -0.39
CA MET C 19 -11.99 15.48 -0.28
C MET C 19 -11.19 15.46 1.01
N THR C 20 -11.46 14.47 1.87
CA THR C 20 -10.57 14.22 3.00
C THR C 20 -9.95 12.83 2.88
N ILE C 21 -8.67 12.78 2.52
CA ILE C 21 -7.96 11.50 2.48
C ILE C 21 -7.01 11.32 3.68
N GLU C 22 -6.95 10.10 4.22
CA GLU C 22 -6.32 9.85 5.51
C GLU C 22 -5.19 8.83 5.53
N CYS C 23 -4.13 9.18 6.27
CA CYS C 23 -3.03 8.26 6.59
C CYS C 23 -2.82 8.10 8.09
N LYS C 24 -2.99 6.88 8.59
CA LYS C 24 -2.98 6.63 10.02
C LYS C 24 -1.62 6.11 10.50
N PHE C 25 -1.23 6.57 11.69
CA PHE C 25 0.07 6.22 12.28
C PHE C 25 0.01 6.14 13.82
N PRO C 26 0.84 5.27 14.44
CA PRO C 26 0.87 5.09 15.90
C PRO C 26 1.23 6.37 16.69
N VAL C 27 0.42 6.69 17.70
CA VAL C 27 0.67 7.79 18.62
C VAL C 27 0.23 7.30 19.99
N GLU C 28 1.20 6.92 20.82
CA GLU C 28 0.94 6.31 22.11
C GLU C 28 0.50 7.35 23.15
N LYS C 29 1.44 8.17 23.60
CA LYS C 29 1.16 9.25 24.53
C LYS C 29 1.06 10.55 23.77
N GLN C 30 0.86 11.66 24.49
CA GLN C 30 0.61 12.94 23.83
C GLN C 30 1.61 13.23 22.72
N LEU C 31 1.12 13.83 21.66
CA LEU C 31 1.89 14.09 20.46
C LEU C 31 3.09 15.01 20.69
N ASP C 32 4.27 14.49 20.37
CA ASP C 32 5.52 15.27 20.37
C ASP C 32 5.66 15.90 19.00
N LEU C 33 5.37 17.20 18.91
CA LEU C 33 5.38 17.90 17.62
C LEU C 33 6.75 18.06 16.98
N ALA C 34 7.80 18.13 17.82
CA ALA C 34 9.18 18.31 17.34
C ALA C 34 9.62 17.16 16.42
N ALA C 35 9.33 15.93 16.84
CA ALA C 35 9.74 14.74 16.08
C ALA C 35 8.87 14.43 14.83
N LEU C 36 7.70 15.06 14.73
CA LEU C 36 6.74 14.71 13.67
C LEU C 36 6.97 15.41 12.33
N ILE C 37 7.14 14.60 11.26
CA ILE C 37 7.08 15.12 9.88
C ILE C 37 5.93 14.47 9.07
N VAL C 38 5.19 15.30 8.33
CA VAL C 38 4.14 14.82 7.46
C VAL C 38 4.34 15.43 6.09
N TYR C 39 4.36 14.56 5.10
CA TYR C 39 4.60 14.97 3.73
C TYR C 39 3.53 14.34 2.87
N TRP C 40 2.75 15.20 2.21
CA TRP C 40 1.81 14.77 1.19
C TRP C 40 2.30 15.25 -0.15
N GLU C 41 2.17 14.39 -1.15
CA GLU C 41 2.62 14.71 -2.50
C GLU C 41 1.80 13.99 -3.56
N MET C 42 1.98 14.42 -4.81
CA MET C 42 1.25 13.89 -5.95
C MET C 42 2.08 14.16 -7.20
N GLU C 43 2.51 13.09 -7.87
CA GLU C 43 3.27 13.18 -9.11
C GLU C 43 4.48 14.12 -8.95
N ASP C 44 5.26 13.90 -7.90
CA ASP C 44 6.39 14.79 -7.56
C ASP C 44 6.02 16.28 -7.39
N LYS C 45 4.81 16.54 -6.90
CA LYS C 45 4.39 17.89 -6.54
C LYS C 45 4.14 18.00 -5.03
N ASN C 46 4.90 18.86 -4.36
CA ASN C 46 4.83 19.09 -2.92
C ASN C 46 3.50 19.75 -2.51
N ILE C 47 2.68 19.04 -1.74
CA ILE C 47 1.37 19.56 -1.31
C ILE C 47 1.41 20.08 0.13
N ILE C 48 1.96 19.26 1.02
CA ILE C 48 1.98 19.52 2.45
C ILE C 48 3.35 19.11 2.98
N GLN C 49 3.99 20.03 3.67
CA GLN C 49 5.26 19.77 4.29
C GLN C 49 5.17 20.26 5.73
N PHE C 50 4.83 19.35 6.63
CA PHE C 50 4.59 19.69 8.02
C PHE C 50 5.81 19.31 8.87
N VAL C 51 6.65 20.30 9.13
CA VAL C 51 7.98 20.12 9.72
C VAL C 51 8.13 20.92 11.02
N HIS C 52 8.98 20.40 11.93
CA HIS C 52 9.28 21.05 13.21
C HIS C 52 8.00 21.48 13.95
N GLY C 53 6.88 20.86 13.55
CA GLY C 53 5.58 21.17 14.14
C GLY C 53 4.84 22.34 13.53
N GLU C 54 5.16 22.69 12.28
CA GLU C 54 4.44 23.76 11.57
C GLU C 54 4.53 23.67 10.04
N GLU C 55 3.41 23.90 9.37
CA GLU C 55 3.32 23.88 7.90
C GLU C 55 4.19 24.98 7.28
N ASP C 56 5.00 24.57 6.31
CA ASP C 56 5.86 25.48 5.55
C ASP C 56 5.16 25.81 4.23
N LEU C 57 4.43 26.93 4.21
CA LEU C 57 3.69 27.39 3.03
C LEU C 57 4.58 27.79 1.86
N LYS C 58 5.89 27.84 2.10
CA LYS C 58 6.90 28.20 1.12
C LYS C 58 7.13 27.10 0.08
N VAL C 59 7.45 25.89 0.54
CA VAL C 59 7.86 24.77 -0.32
C VAL C 59 6.69 24.12 -1.07
N GLN C 60 5.48 24.64 -0.86
CA GLN C 60 4.29 24.10 -1.51
C GLN C 60 4.18 24.61 -2.96
N HIS C 61 3.69 23.73 -3.83
CA HIS C 61 3.45 24.06 -5.23
C HIS C 61 2.19 24.93 -5.38
N SER C 62 2.24 25.88 -6.33
CA SER C 62 1.17 26.86 -6.57
C SER C 62 -0.21 26.27 -6.94
N SER C 63 -0.20 25.05 -7.49
CA SER C 63 -1.44 24.36 -7.86
C SER C 63 -2.38 24.25 -6.66
N TYR C 64 -1.78 24.07 -5.48
CA TYR C 64 -2.51 23.97 -4.22
C TYR C 64 -2.28 25.25 -3.42
N ARG C 65 -2.73 26.37 -3.99
CA ARG C 65 -2.56 27.68 -3.37
C ARG C 65 -3.44 27.82 -2.12
N GLN C 66 -4.75 27.64 -2.30
CA GLN C 66 -5.73 27.88 -1.23
C GLN C 66 -6.42 26.61 -0.82
N ARG C 67 -6.37 25.62 -1.69
CA ARG C 67 -7.23 24.46 -1.62
C ARG C 67 -6.76 23.29 -0.75
N ALA C 68 -5.53 23.35 -0.25
CA ALA C 68 -4.96 22.23 0.50
C ALA C 68 -4.59 22.57 1.94
N ARG C 69 -5.04 21.72 2.87
CA ARG C 69 -4.67 21.87 4.28
C ARG C 69 -4.66 20.53 5.02
N LEU C 70 -3.87 20.48 6.09
CA LEU C 70 -3.82 19.32 6.98
C LEU C 70 -4.58 19.61 8.26
N LEU C 71 -5.40 18.68 8.69
CA LEU C 71 -6.26 18.88 9.87
C LEU C 71 -5.52 18.63 11.19
N LYS C 72 -4.91 19.69 11.72
CA LYS C 72 -4.07 19.63 12.92
C LYS C 72 -4.70 18.87 14.08
N ASP C 73 -5.98 19.14 14.33
CA ASP C 73 -6.66 18.53 15.48
C ASP C 73 -6.56 17.00 15.41
N GLN C 74 -6.58 16.46 14.20
CA GLN C 74 -6.53 15.02 13.96
C GLN C 74 -5.17 14.38 14.26
N LEU C 75 -4.10 15.14 14.13
CA LEU C 75 -2.76 14.59 14.37
C LEU C 75 -2.58 14.01 15.76
N SER C 76 -3.19 14.64 16.78
CA SER C 76 -3.07 14.13 18.14
C SER C 76 -3.70 12.75 18.28
N LEU C 77 -4.51 12.36 17.27
CA LEU C 77 -5.14 11.04 17.25
C LEU C 77 -4.46 10.07 16.28
N GLY C 78 -3.32 10.48 15.72
CA GLY C 78 -2.59 9.62 14.78
C GLY C 78 -3.21 9.56 13.40
N ASN C 79 -3.82 10.65 12.97
CA ASN C 79 -4.48 10.74 11.67
C ASN C 79 -3.92 11.92 10.92
N ALA C 80 -3.16 11.63 9.87
CA ALA C 80 -2.68 12.61 8.93
C ALA C 80 -3.77 12.80 7.88
N ALA C 81 -4.62 13.79 8.09
CA ALA C 81 -5.81 13.95 7.24
C ALA C 81 -5.62 15.12 6.31
N LEU C 82 -5.67 14.84 5.00
CA LEU C 82 -5.51 15.87 3.99
C LEU C 82 -6.87 16.16 3.35
N GLN C 83 -7.33 17.39 3.56
CA GLN C 83 -8.58 17.87 2.98
C GLN C 83 -8.26 18.75 1.78
N ILE C 84 -8.80 18.36 0.64
CA ILE C 84 -8.72 19.16 -0.59
C ILE C 84 -10.12 19.65 -1.02
N THR C 85 -10.24 20.96 -1.19
CA THR C 85 -11.54 21.61 -1.48
C THR C 85 -11.76 21.85 -2.96
N ASP C 86 -13.02 21.71 -3.39
CA ASP C 86 -13.43 21.92 -4.78
C ASP C 86 -12.60 21.05 -5.73
N VAL C 87 -12.74 19.74 -5.57
CA VAL C 87 -11.95 18.76 -6.33
C VAL C 87 -12.24 18.83 -7.83
N LYS C 88 -11.16 18.88 -8.62
CA LYS C 88 -11.24 18.93 -10.07
C LYS C 88 -10.58 17.70 -10.70
N LEU C 89 -10.94 17.40 -11.94
CA LEU C 89 -10.41 16.24 -12.66
C LEU C 89 -8.89 16.06 -12.58
N GLN C 90 -8.15 17.18 -12.50
CA GLN C 90 -6.68 17.15 -12.36
C GLN C 90 -6.18 16.58 -11.01
N ASP C 91 -7.10 16.51 -10.04
CA ASP C 91 -6.83 16.01 -8.71
C ASP C 91 -6.91 14.49 -8.65
N ALA C 92 -7.35 13.85 -9.74
CA ALA C 92 -7.34 12.39 -9.82
C ALA C 92 -5.92 11.95 -10.06
N GLY C 93 -5.57 10.81 -9.49
CA GLY C 93 -4.20 10.33 -9.52
C GLY C 93 -3.84 9.58 -8.27
N VAL C 94 -2.54 9.40 -8.08
CA VAL C 94 -1.99 8.67 -6.93
C VAL C 94 -1.32 9.65 -5.97
N TYR C 95 -1.82 9.70 -4.74
CA TYR C 95 -1.24 10.53 -3.69
C TYR C 95 -0.35 9.65 -2.80
N ARG C 96 0.76 10.21 -2.35
CA ARG C 96 1.60 9.57 -1.33
C ARG C 96 1.67 10.42 -0.07
N CYS C 97 1.56 9.77 1.08
CA CYS C 97 1.73 10.40 2.36
C CYS C 97 2.94 9.75 2.96
N MET C 98 3.80 10.56 3.55
CA MET C 98 4.99 10.09 4.23
C MET C 98 5.00 10.68 5.64
N ILE C 99 5.11 9.82 6.65
CA ILE C 99 5.13 10.25 8.03
C ILE C 99 6.40 9.77 8.70
N SER C 100 7.14 10.69 9.32
CA SER C 100 8.24 10.34 10.18
C SER C 100 7.85 10.69 11.62
N TYR C 101 7.82 9.66 12.47
CA TYR C 101 7.47 9.78 13.88
C TYR C 101 8.13 8.59 14.60
N GLY C 102 9.44 8.67 14.82
CA GLY C 102 10.21 7.57 15.41
C GLY C 102 10.35 6.38 14.48
N GLY C 103 10.64 6.66 13.23
CA GLY C 103 10.51 5.65 12.20
C GLY C 103 9.72 6.29 11.10
N ALA C 104 9.83 5.75 9.91
CA ALA C 104 9.18 6.36 8.78
C ALA C 104 8.62 5.32 7.82
N ASP C 105 7.58 5.75 7.10
CA ASP C 105 6.83 4.88 6.18
C ASP C 105 5.96 5.80 5.32
N TYR C 106 5.54 5.25 4.18
CA TYR C 106 4.69 5.94 3.23
C TYR C 106 3.67 4.96 2.65
N LYS C 107 2.59 5.53 2.14
CA LYS C 107 1.50 4.76 1.55
C LYS C 107 1.00 5.53 0.35
N ARG C 108 0.40 4.81 -0.59
CA ARG C 108 -0.15 5.42 -1.81
C ARG C 108 -1.65 5.54 -1.66
N ILE C 109 -2.23 6.66 -2.08
CA ILE C 109 -3.69 6.72 -2.13
C ILE C 109 -4.14 7.08 -3.54
N THR C 110 -5.04 6.27 -4.10
CA THR C 110 -5.55 6.53 -5.44
C THR C 110 -6.82 7.35 -5.35
N VAL C 111 -6.82 8.45 -6.10
CA VAL C 111 -8.02 9.28 -6.19
C VAL C 111 -8.65 9.22 -7.59
N LYS C 112 -9.91 8.82 -7.62
CA LYS C 112 -10.76 8.81 -8.82
C LYS C 112 -11.88 9.79 -8.65
N VAL C 113 -12.10 10.61 -9.68
CA VAL C 113 -13.10 11.68 -9.66
C VAL C 113 -14.19 11.45 -10.72
N ASN C 114 -15.46 11.49 -10.28
CA ASN C 114 -16.68 11.45 -11.12
C ASN C 114 -17.25 12.84 -11.35
N ALA C 115 -17.89 13.07 -12.50
CA ALA C 115 -18.70 14.28 -12.69
C ALA C 115 -20.04 13.89 -13.28
N PRO C 116 -21.14 14.16 -12.55
CA PRO C 116 -22.44 13.69 -12.97
C PRO C 116 -23.01 14.55 -14.11
N TYR C 117 -23.72 13.90 -15.01
CA TYR C 117 -24.42 14.60 -16.10
C TYR C 117 -25.76 15.10 -15.60
N ASN C 118 -25.77 16.12 -14.75
CA ASN C 118 -27.07 16.61 -14.35
C ASN C 118 -27.50 17.93 -14.91
N LYS C 119 -26.60 18.74 -15.43
CA LYS C 119 -27.06 19.97 -16.04
C LYS C 119 -27.35 19.71 -17.52
N ILE C 120 -28.61 19.37 -17.81
CA ILE C 120 -28.95 18.92 -19.14
C ILE C 120 -29.70 20.02 -19.86
N ASN C 121 -29.06 20.54 -20.90
CA ASN C 121 -29.62 21.65 -21.65
C ASN C 121 -30.29 21.06 -22.85
N GLN C 122 -31.41 21.64 -23.23
CA GLN C 122 -32.18 21.07 -24.29
C GLN C 122 -32.67 22.17 -25.20
N ARG C 123 -33.14 21.76 -26.37
CA ARG C 123 -33.64 22.67 -27.36
C ARG C 123 -34.47 21.87 -28.33
N ILE C 124 -35.53 22.51 -28.79
CA ILE C 124 -36.46 21.97 -29.75
C ILE C 124 -36.66 22.98 -30.86
N LEU C 125 -36.36 22.57 -32.08
CA LEU C 125 -36.47 23.43 -33.25
C LEU C 125 -37.36 22.75 -34.29
N VAL C 126 -38.19 23.56 -34.95
CA VAL C 126 -39.01 23.07 -36.05
C VAL C 126 -38.16 23.06 -37.31
N VAL C 127 -38.04 21.91 -37.96
CA VAL C 127 -37.21 21.79 -39.17
C VAL C 127 -38.04 22.04 -40.46
N ASP C 128 -39.24 21.48 -40.49
CA ASP C 128 -40.21 21.73 -41.56
C ASP C 128 -41.61 21.64 -40.96
N PRO C 129 -42.35 22.77 -40.96
CA PRO C 129 -43.70 22.84 -40.39
C PRO C 129 -44.75 21.93 -41.07
N VAL C 130 -44.62 21.71 -42.38
CA VAL C 130 -45.58 20.84 -43.12
C VAL C 130 -45.59 19.39 -42.61
N THR C 131 -44.46 18.71 -42.71
CA THR C 131 -44.33 17.33 -42.21
C THR C 131 -44.12 17.31 -40.69
N SER C 132 -43.95 18.50 -40.11
CA SER C 132 -43.73 18.66 -38.66
C SER C 132 -42.45 17.96 -38.16
N GLU C 133 -41.38 18.05 -38.95
CA GLU C 133 -40.09 17.54 -38.53
C GLU C 133 -39.51 18.51 -37.51
N HIS C 134 -39.04 17.97 -36.40
CA HIS C 134 -38.35 18.78 -35.40
C HIS C 134 -36.97 18.21 -35.16
N GLU C 135 -36.09 19.09 -34.74
CA GLU C 135 -34.76 18.74 -34.29
C GLU C 135 -34.74 18.95 -32.76
N LEU C 136 -34.42 17.88 -32.04
CA LEU C 136 -34.36 17.88 -30.58
C LEU C 136 -32.92 17.67 -30.16
N THR C 137 -32.45 18.51 -29.25
CA THR C 137 -31.07 18.45 -28.79
C THR C 137 -31.03 18.30 -27.30
N CYS C 138 -30.08 17.51 -26.82
CA CYS C 138 -29.78 17.43 -25.40
C CYS C 138 -28.27 17.52 -25.25
N GLN C 139 -27.78 18.45 -24.42
CA GLN C 139 -26.36 18.61 -24.21
C GLN C 139 -26.10 18.55 -22.71
N ALA C 140 -25.02 17.89 -22.32
CA ALA C 140 -24.53 17.95 -20.93
C ALA C 140 -23.06 17.60 -20.84
N GLU C 141 -22.42 18.07 -19.78
CA GLU C 141 -21.01 17.78 -19.50
C GLU C 141 -20.82 16.88 -18.27
N GLY C 142 -19.76 16.08 -18.29
CA GLY C 142 -19.44 15.22 -17.17
C GLY C 142 -18.24 14.37 -17.48
N TYR C 143 -18.03 13.34 -16.66
CA TYR C 143 -16.87 12.46 -16.75
C TYR C 143 -17.15 11.22 -15.90
N PRO C 144 -16.90 10.02 -16.46
CA PRO C 144 -16.37 9.88 -17.80
C PRO C 144 -17.44 10.01 -18.90
N LYS C 145 -17.12 9.50 -20.08
CA LYS C 145 -17.94 9.56 -21.29
C LYS C 145 -19.33 8.96 -21.12
N ALA C 146 -20.38 9.73 -21.41
CA ALA C 146 -21.72 9.12 -21.44
C ALA C 146 -22.21 8.92 -22.86
N GLU C 147 -22.99 7.86 -23.07
CA GLU C 147 -23.78 7.74 -24.28
C GLU C 147 -25.19 8.27 -23.99
N VAL C 148 -25.92 8.63 -25.03
CA VAL C 148 -27.26 9.21 -24.91
C VAL C 148 -28.24 8.30 -25.63
N ILE C 149 -29.33 7.95 -24.94
CA ILE C 149 -30.42 7.16 -25.50
C ILE C 149 -31.71 8.00 -25.59
N TRP C 150 -32.37 7.96 -26.74
CA TRP C 150 -33.64 8.62 -26.95
C TRP C 150 -34.79 7.62 -26.82
N THR C 151 -35.82 7.99 -26.07
CA THR C 151 -37.05 7.21 -25.94
C THR C 151 -38.24 8.14 -26.08
N SER C 152 -39.37 7.60 -26.57
CA SER C 152 -40.61 8.36 -26.73
C SER C 152 -41.57 7.99 -25.61
N SER C 153 -42.76 8.59 -25.61
CA SER C 153 -43.83 8.27 -24.65
C SER C 153 -44.02 6.75 -24.45
N ASP C 154 -43.83 6.00 -25.55
CA ASP C 154 -43.90 4.54 -25.59
C ASP C 154 -42.69 3.85 -24.91
N HIS C 155 -41.61 4.62 -24.66
CA HIS C 155 -40.30 4.12 -24.20
C HIS C 155 -39.62 3.20 -25.22
N GLN C 156 -40.03 3.39 -26.47
CA GLN C 156 -39.54 2.68 -27.66
C GLN C 156 -38.30 3.43 -28.13
N VAL C 157 -37.17 2.74 -28.23
CA VAL C 157 -35.86 3.38 -28.49
C VAL C 157 -35.84 4.06 -29.87
N LEU C 158 -35.29 5.28 -29.90
CA LEU C 158 -35.15 6.07 -31.14
C LEU C 158 -33.67 6.22 -31.54
N SER C 159 -33.47 6.73 -32.76
CA SER C 159 -32.14 6.82 -33.36
C SER C 159 -31.63 8.27 -33.50
N GLY C 160 -30.70 8.66 -32.63
CA GLY C 160 -30.12 10.00 -32.67
C GLY C 160 -28.63 9.99 -33.03
N LYS C 161 -28.10 11.18 -33.29
CA LYS C 161 -26.67 11.36 -33.54
C LYS C 161 -26.01 12.01 -32.32
N THR C 162 -24.92 11.42 -31.85
CA THR C 162 -24.26 11.88 -30.63
C THR C 162 -22.81 12.28 -30.89
N THR C 163 -22.45 13.50 -30.52
CA THR C 163 -21.08 13.97 -30.63
C THR C 163 -20.50 14.19 -29.24
N THR C 164 -19.30 13.67 -29.04
CA THR C 164 -18.61 13.79 -27.78
C THR C 164 -17.30 14.54 -27.95
N THR C 165 -17.14 15.65 -27.23
CA THR C 165 -15.89 16.40 -27.30
C THR C 165 -15.40 16.68 -25.91
N ASN C 166 -14.30 17.43 -25.81
CA ASN C 166 -13.87 17.94 -24.51
C ASN C 166 -14.38 19.37 -24.16
N SER C 167 -14.11 19.82 -22.93
CA SER C 167 -14.58 21.13 -22.43
C SER C 167 -13.64 22.27 -22.78
N LYS C 172 -10.17 17.95 -18.55
CA LYS C 172 -10.92 17.41 -19.70
C LYS C 172 -12.29 16.82 -19.28
N LEU C 173 -13.25 17.71 -19.04
CA LEU C 173 -14.64 17.31 -18.92
C LEU C 173 -15.09 16.93 -20.34
N PHE C 174 -15.87 15.85 -20.46
CA PHE C 174 -16.55 15.52 -21.74
C PHE C 174 -17.81 16.38 -21.93
N ASN C 175 -17.94 17.03 -23.07
CA ASN C 175 -19.16 17.70 -23.44
C ASN C 175 -19.91 16.76 -24.40
N VAL C 176 -21.04 16.22 -23.97
CA VAL C 176 -21.80 15.26 -24.80
C VAL C 176 -23.05 15.90 -25.38
N THR C 177 -23.18 15.91 -26.70
CA THR C 177 -24.37 16.47 -27.28
C THR C 177 -25.02 15.54 -28.31
N SER C 178 -26.34 15.42 -28.25
CA SER C 178 -27.10 14.46 -29.03
C SER C 178 -28.31 15.12 -29.71
N THR C 179 -28.50 14.80 -30.98
CA THR C 179 -29.57 15.38 -31.77
C THR C 179 -30.46 14.29 -32.34
N LEU C 180 -31.77 14.49 -32.23
CA LEU C 180 -32.78 13.63 -32.82
C LEU C 180 -33.61 14.45 -33.82
N ARG C 181 -33.64 14.01 -35.08
CA ARG C 181 -34.55 14.56 -36.07
C ARG C 181 -35.69 13.57 -36.25
N ILE C 182 -36.92 14.06 -36.17
CA ILE C 182 -38.13 13.23 -36.15
C ILE C 182 -39.40 14.03 -36.45
N ASN C 183 -40.38 13.39 -37.09
CA ASN C 183 -41.67 14.03 -37.34
C ASN C 183 -42.55 13.76 -36.15
N THR C 184 -43.07 14.84 -35.58
CA THR C 184 -43.85 14.68 -34.38
C THR C 184 -45.04 15.63 -34.30
N THR C 185 -45.76 15.54 -33.19
CA THR C 185 -46.98 16.33 -32.95
C THR C 185 -46.89 17.16 -31.66
N THR C 186 -47.75 18.18 -31.55
CA THR C 186 -47.86 18.94 -30.31
C THR C 186 -48.20 17.97 -29.16
N ASN C 187 -47.49 18.14 -28.05
CA ASN C 187 -47.64 17.34 -26.83
C ASN C 187 -46.91 16.01 -26.80
N GLU C 188 -46.27 15.61 -27.90
CA GLU C 188 -45.50 14.38 -27.80
C GLU C 188 -44.32 14.57 -26.84
N ILE C 189 -44.08 13.55 -26.01
CA ILE C 189 -43.06 13.57 -24.96
C ILE C 189 -41.89 12.71 -25.37
N PHE C 190 -40.68 13.27 -25.25
CA PHE C 190 -39.45 12.55 -25.54
C PHE C 190 -38.54 12.62 -24.33
N TYR C 191 -37.70 11.62 -24.19
CA TYR C 191 -36.76 11.57 -23.10
C TYR C 191 -35.36 11.44 -23.68
N CYS C 192 -34.40 12.21 -23.17
CA CYS C 192 -33.00 11.91 -23.46
C CYS C 192 -32.28 11.44 -22.20
N THR C 193 -31.61 10.30 -22.29
CA THR C 193 -30.98 9.68 -21.12
C THR C 193 -29.46 9.54 -21.31
N PHE C 194 -28.72 10.19 -20.43
CA PHE C 194 -27.26 10.11 -20.41
C PHE C 194 -26.84 8.91 -19.57
N ARG C 195 -26.31 7.89 -20.23
CA ARG C 195 -25.87 6.70 -19.52
C ARG C 195 -24.36 6.70 -19.44
N ARG C 196 -23.88 6.82 -18.21
CA ARG C 196 -22.45 6.81 -17.90
C ARG C 196 -22.13 5.61 -17.02
N LEU C 197 -20.85 5.26 -16.93
CA LEU C 197 -20.36 4.22 -16.01
C LEU C 197 -19.37 4.81 -14.99
N ASP C 198 -18.81 3.95 -14.14
CA ASP C 198 -17.82 4.35 -13.12
C ASP C 198 -18.28 5.30 -12.00
N PRO C 199 -19.32 4.93 -11.23
CA PRO C 199 -20.20 3.77 -11.41
C PRO C 199 -21.36 4.14 -12.35
N GLU C 200 -22.25 3.18 -12.60
CA GLU C 200 -23.41 3.44 -13.45
C GLU C 200 -24.19 4.66 -12.96
N GLU C 201 -24.82 5.36 -13.90
CA GLU C 201 -25.63 6.54 -13.59
C GLU C 201 -26.45 6.89 -14.83
N ASN C 202 -27.78 6.87 -14.66
CA ASN C 202 -28.70 7.21 -15.74
C ASN C 202 -29.49 8.49 -15.44
N HIS C 203 -29.17 9.54 -16.18
CA HIS C 203 -29.76 10.85 -15.93
C HIS C 203 -30.63 11.27 -17.12
N THR C 204 -31.92 11.47 -16.86
CA THR C 204 -32.85 11.78 -17.90
C THR C 204 -33.39 13.21 -17.89
N ALA C 205 -33.61 13.73 -19.10
CA ALA C 205 -34.37 14.96 -19.30
C ALA C 205 -35.58 14.69 -20.18
N GLU C 206 -36.55 15.59 -20.14
CA GLU C 206 -37.80 15.42 -20.89
C GLU C 206 -38.04 16.62 -21.77
N LEU C 207 -38.45 16.35 -23.01
CA LEU C 207 -38.74 17.41 -23.97
C LEU C 207 -40.14 17.21 -24.49
N VAL C 208 -40.93 18.26 -24.44
CA VAL C 208 -42.32 18.19 -24.87
C VAL C 208 -42.45 19.07 -26.07
N ILE C 209 -43.06 18.54 -27.13
CA ILE C 209 -43.28 19.30 -28.37
C ILE C 209 -44.35 20.39 -28.21
N PRO C 210 -43.98 21.67 -28.40
CA PRO C 210 -44.90 22.81 -28.19
C PRO C 210 -45.84 23.06 -29.35
N GLU C 211 -46.84 23.92 -29.17
CA GLU C 211 -47.79 24.25 -30.26
C GLU C 211 -47.06 24.88 -31.45
N LEU C 212 -47.60 24.68 -32.66
CA LEU C 212 -47.01 25.27 -33.86
C LEU C 212 -47.44 26.72 -34.02
#